data_8H7Z
#
_entry.id   8H7Z
#
_cell.length_a   1.00
_cell.length_b   1.00
_cell.length_c   1.00
_cell.angle_alpha   90.00
_cell.angle_beta   90.00
_cell.angle_gamma   90.00
#
_symmetry.space_group_name_H-M   'P 1'
#
loop_
_entity.id
_entity.type
_entity.pdbx_description
1 polymer 'Spike glycoprotein'
2 polymer 'BA7535 fab'
3 polymer 'BA7535 fab'
#
loop_
_entity_poly.entity_id
_entity_poly.type
_entity_poly.pdbx_seq_one_letter_code
_entity_poly.pdbx_strand_id
1 'polypeptide(L)'
;ITNLCPFDEVFNATRFASVYAWNRKRISNCVADYSVLYNFAPFFAFKCYGVSPTKLNDLCFTNVYADSFVIRGNEVSQIA
PGQTGNIADYNYKLPDDFTGCVIAWNSNKLDSKVGGNYNYLYRLFRKSNLKPFERDISTEIYQAGNKPCNGVAGFNCYFP
LRSYGFRPTYGVGHQPYRVVVLSFELLHAPATVCGPK
;
A
2 'polypeptide(L)'
;EVQLVESGGGVVQPGRSLRLSCAASEFTFSSFAMHWVRQAPGKGLEWVALISYDGSNKYYADSVKGRFTISRDNSKNTLY
LQMNSLRAEDTAVYYCARVSYPLTKYYYGMDVWGQGTTVTVSSASTKGPSVFPLAPSSKSTSGGTAALGCLVKDYFPEPV
TVSWNSGALTSGVHTFPAVLQSSGLYSLSSVVTVPSSSLGTQTYICNVNHKPSNTKVDKKVEPKSCDKTHTCPPCPAPEL
LGGPSVFLFPPKPKDTLMISRTPEVTCVVVDVSHEDPEVKFNWYVDGVEVHNAKTKPREEQYNSTYRVVSVLTVLHQDWL
NGKEYKCKVSNKALPAPIEKTISKAKGQPREPQVYTLPPSRDELTKNQVSLTCLVKGFYPSDIAVEWESNGQPENNYKTT
PPVLDSDGSFFLYSKLTVDKSRWQQGNVFSCSVMHEALHNHYTQKSLSLSPGK
;
F
3 'polypeptide(L)'
;EIVMTQSPAFMSATPGDKVNISCKASQDIADDMNWYQQKPGEAAIFIIQEATTLVPGISPRFSGSGYGTDFTLTINNIES
EDAAYYFCLQHDNFPLTFGGGTKVEIKRTVAAPSVFIFPPSDEQLKSGTASVVCLLNNFYPREAKVQWKVDNALQSGNSQ
ESVTEQDSKDSTYSLSSTLTLSKADYEKHKVYACEVTHQGLSSPVTKSFNRGEC
;
I
#
# COMPACT_ATOMS: atom_id res chain seq x y z
N ILE A 1 2.15 -16.54 66.55
CA ILE A 1 1.73 -15.96 65.28
C ILE A 1 0.71 -16.88 64.63
N THR A 2 -0.53 -16.39 64.50
CA THR A 2 -1.63 -17.19 63.99
C THR A 2 -2.23 -16.62 62.72
N ASN A 3 -2.69 -15.37 62.75
CA ASN A 3 -3.39 -14.79 61.60
C ASN A 3 -2.39 -14.16 60.64
N LEU A 4 -2.55 -14.47 59.35
CA LEU A 4 -1.64 -13.95 58.33
C LEU A 4 -2.42 -13.56 57.08
N CYS A 5 -1.90 -12.57 56.37
CA CYS A 5 -2.57 -12.06 55.19
C CYS A 5 -2.49 -13.07 54.05
N PRO A 6 -3.52 -13.14 53.20
CA PRO A 6 -3.56 -14.13 52.11
C PRO A 6 -2.87 -13.67 50.82
N PHE A 7 -1.54 -13.70 50.84
CA PHE A 7 -0.78 -13.34 49.64
C PHE A 7 -0.76 -14.44 48.61
N ASP A 8 -0.87 -15.70 49.02
CA ASP A 8 -0.85 -16.80 48.07
C ASP A 8 -2.06 -16.79 47.14
N GLU A 9 -3.18 -16.20 47.56
CA GLU A 9 -4.33 -16.09 46.68
C GLU A 9 -4.03 -15.20 45.48
N VAL A 10 -3.38 -14.05 45.73
CA VAL A 10 -3.07 -13.13 44.64
C VAL A 10 -1.93 -13.65 43.77
N PHE A 11 -0.86 -14.15 44.38
CA PHE A 11 0.30 -14.57 43.61
C PHE A 11 0.09 -15.92 42.94
N ASN A 12 -0.62 -16.83 43.59
CA ASN A 12 -0.85 -18.19 43.09
C ASN A 12 -2.35 -18.40 42.93
N ALA A 13 -2.87 -17.99 41.77
CA ALA A 13 -4.24 -18.28 41.39
C ALA A 13 -4.23 -19.22 40.19
N THR A 14 -5.31 -19.97 40.04
CA THR A 14 -5.40 -20.92 38.94
C THR A 14 -5.27 -20.20 37.60
N ARG A 15 -5.95 -19.07 37.47
CA ARG A 15 -5.82 -18.19 36.31
C ARG A 15 -6.04 -16.76 36.77
N PHE A 16 -5.32 -15.83 36.17
CA PHE A 16 -5.51 -14.41 36.49
C PHE A 16 -6.68 -13.86 35.69
N ALA A 17 -6.82 -12.54 35.70
CA ALA A 17 -7.89 -11.83 35.00
C ALA A 17 -7.30 -10.99 33.88
N SER A 18 -8.17 -10.67 32.92
CA SER A 18 -7.76 -9.88 31.77
C SER A 18 -7.35 -8.48 32.20
N VAL A 19 -6.56 -7.83 31.35
CA VAL A 19 -5.99 -6.54 31.73
C VAL A 19 -7.08 -5.47 31.79
N TYR A 20 -8.06 -5.51 30.89
CA TYR A 20 -9.05 -4.44 30.86
C TYR A 20 -9.95 -4.48 32.09
N ALA A 21 -10.49 -5.65 32.43
CA ALA A 21 -11.31 -5.82 33.63
C ALA A 21 -10.44 -6.52 34.67
N TRP A 22 -9.65 -5.74 35.40
CA TRP A 22 -8.65 -6.29 36.29
C TRP A 22 -9.18 -6.39 37.72
N ASN A 23 -8.39 -7.00 38.59
CA ASN A 23 -8.74 -7.25 39.97
C ASN A 23 -8.09 -6.22 40.88
N ARG A 24 -8.81 -5.87 41.95
CA ARG A 24 -8.24 -5.12 43.06
C ARG A 24 -8.64 -5.83 44.34
N LYS A 25 -7.67 -6.02 45.24
CA LYS A 25 -7.88 -6.74 46.48
C LYS A 25 -7.48 -5.85 47.64
N ARG A 26 -8.34 -5.74 48.65
CA ARG A 26 -8.06 -4.96 49.84
C ARG A 26 -7.63 -5.90 50.96
N ILE A 27 -6.48 -5.63 51.55
CA ILE A 27 -5.90 -6.46 52.59
C ILE A 27 -5.76 -5.62 53.84
N SER A 28 -6.36 -6.07 54.94
CA SER A 28 -6.30 -5.35 56.20
C SER A 28 -6.57 -6.30 57.35
N ASN A 29 -6.14 -5.88 58.54
CA ASN A 29 -6.37 -6.62 59.79
C ASN A 29 -5.75 -8.02 59.73
N CYS A 30 -4.46 -8.07 59.42
CA CYS A 30 -3.74 -9.33 59.38
C CYS A 30 -2.25 -9.05 59.51
N VAL A 31 -1.48 -10.11 59.66
CA VAL A 31 -0.02 -10.03 59.76
C VAL A 31 0.57 -10.39 58.41
N ALA A 32 1.39 -9.51 57.85
CA ALA A 32 1.94 -9.66 56.52
C ALA A 32 3.44 -9.93 56.60
N ASP A 33 3.85 -11.15 56.26
CA ASP A 33 5.26 -11.49 56.12
C ASP A 33 5.59 -11.56 54.63
N TYR A 34 6.59 -10.81 54.22
CA TYR A 34 6.95 -10.68 52.82
C TYR A 34 8.05 -11.65 52.39
N SER A 35 8.49 -12.52 53.29
CA SER A 35 9.47 -13.54 52.92
C SER A 35 8.88 -14.63 52.06
N VAL A 36 7.58 -14.89 52.16
CA VAL A 36 6.92 -15.90 51.33
C VAL A 36 6.94 -15.52 49.87
N LEU A 37 7.00 -14.21 49.55
CA LEU A 37 6.89 -13.75 48.18
C LEU A 37 7.93 -14.37 47.25
N TYR A 38 9.09 -14.77 47.78
CA TYR A 38 10.19 -15.27 46.97
C TYR A 38 9.99 -16.71 46.53
N ASN A 39 8.77 -17.25 46.61
CA ASN A 39 8.51 -18.57 46.05
C ASN A 39 8.75 -18.58 44.55
N PHE A 40 8.33 -17.51 43.86
CA PHE A 40 8.69 -17.29 42.46
C PHE A 40 10.08 -16.64 42.38
N ALA A 41 11.09 -17.48 42.54
CA ALA A 41 12.47 -17.02 42.51
C ALA A 41 12.83 -16.26 41.24
N PRO A 42 12.51 -16.73 40.03
CA PRO A 42 12.87 -15.92 38.84
C PRO A 42 11.94 -14.73 38.66
N PHE A 43 12.11 -13.72 39.50
CA PHE A 43 11.33 -12.50 39.39
C PHE A 43 11.90 -11.65 38.27
N PHE A 44 11.16 -11.52 37.17
CA PHE A 44 11.62 -10.75 36.04
C PHE A 44 11.77 -9.27 36.37
N ALA A 45 10.83 -8.71 37.12
CA ALA A 45 10.86 -7.31 37.51
C ALA A 45 10.44 -7.16 38.96
N PHE A 46 11.12 -6.27 39.68
CA PHE A 46 10.81 -6.03 41.08
C PHE A 46 10.91 -4.54 41.39
N LYS A 47 10.35 -3.70 40.54
CA LYS A 47 10.45 -2.25 40.71
C LYS A 47 9.66 -1.82 41.93
N CYS A 48 10.32 -1.11 42.84
CA CYS A 48 9.69 -0.59 44.06
C CYS A 48 9.89 0.92 44.12
N TYR A 49 8.80 1.66 44.22
CA TYR A 49 8.82 3.11 44.19
C TYR A 49 8.42 3.66 45.56
N GLY A 50 9.19 4.62 46.06
CA GLY A 50 8.86 5.29 47.31
C GLY A 50 8.98 4.42 48.55
N VAL A 51 9.63 3.27 48.48
CA VAL A 51 9.78 2.38 49.62
C VAL A 51 10.99 1.50 49.39
N SER A 52 11.60 1.06 50.48
CA SER A 52 12.76 0.18 50.39
C SER A 52 12.31 -1.22 50.00
N PRO A 53 12.88 -1.80 48.94
CA PRO A 53 12.43 -3.12 48.47
C PRO A 53 12.72 -4.26 49.43
N THR A 54 13.33 -3.99 50.59
CA THR A 54 13.65 -5.04 51.56
C THR A 54 12.98 -4.81 52.90
N LYS A 55 13.03 -3.60 53.45
CA LYS A 55 12.51 -3.32 54.79
C LYS A 55 10.99 -3.06 54.74
N LEU A 56 10.27 -3.99 54.09
CA LEU A 56 8.82 -3.89 54.06
C LEU A 56 8.21 -4.18 55.42
N ASN A 57 8.85 -5.06 56.19
CA ASN A 57 8.34 -5.45 57.51
C ASN A 57 8.43 -4.35 58.54
N ASP A 58 9.16 -3.26 58.24
CA ASP A 58 9.47 -2.26 59.25
C ASP A 58 8.21 -1.48 59.65
N LEU A 59 7.43 -1.03 58.68
CA LEU A 59 6.33 -0.11 58.94
C LEU A 59 5.01 -0.86 59.07
N CYS A 60 4.07 -0.23 59.77
CA CYS A 60 2.70 -0.70 59.87
C CYS A 60 1.80 0.22 59.07
N PHE A 61 0.97 -0.37 58.21
CA PHE A 61 0.13 0.38 57.28
C PHE A 61 -1.34 0.16 57.59
N THR A 62 -2.15 1.15 57.21
CA THR A 62 -3.59 1.05 57.44
C THR A 62 -4.20 -0.06 56.59
N ASN A 63 -3.86 -0.10 55.30
CA ASN A 63 -4.26 -1.19 54.42
C ASN A 63 -3.36 -1.19 53.21
N VAL A 64 -3.38 -2.30 52.47
CA VAL A 64 -2.56 -2.48 51.29
C VAL A 64 -3.43 -3.08 50.18
N TYR A 65 -3.23 -2.61 48.96
CA TYR A 65 -3.98 -3.07 47.80
C TYR A 65 -3.09 -3.94 46.92
N ALA A 66 -3.71 -4.84 46.17
CA ALA A 66 -3.00 -5.75 45.28
C ALA A 66 -3.70 -5.81 43.94
N ASP A 67 -3.15 -5.11 42.95
CA ASP A 67 -3.68 -5.12 41.59
C ASP A 67 -2.93 -6.17 40.77
N SER A 68 -3.68 -7.05 40.12
CA SER A 68 -3.09 -8.10 39.30
C SER A 68 -3.74 -8.14 37.92
N PHE A 69 -2.92 -8.29 36.89
CA PHE A 69 -3.41 -8.37 35.52
C PHE A 69 -2.39 -9.16 34.69
N VAL A 70 -2.82 -9.58 33.51
CA VAL A 70 -1.97 -10.35 32.59
C VAL A 70 -1.85 -9.59 31.28
N ILE A 71 -0.61 -9.32 30.87
CA ILE A 71 -0.32 -8.58 29.66
C ILE A 71 0.75 -9.32 28.87
N ARG A 72 1.12 -8.75 27.73
CA ARG A 72 2.20 -9.25 26.89
C ARG A 72 3.54 -8.76 27.42
N GLY A 73 4.53 -9.65 27.36
CA GLY A 73 5.84 -9.36 27.95
C GLY A 73 6.53 -8.15 27.36
N ASN A 74 6.07 -7.65 26.22
CA ASN A 74 6.67 -6.49 25.58
C ASN A 74 6.09 -5.18 26.11
N GLU A 75 5.16 -5.24 27.06
CA GLU A 75 4.45 -4.06 27.52
C GLU A 75 4.59 -3.80 29.02
N VAL A 76 5.38 -4.59 29.73
CA VAL A 76 5.53 -4.45 31.18
C VAL A 76 6.29 -3.16 31.49
N SER A 77 6.81 -2.51 30.46
CA SER A 77 7.44 -1.21 30.61
C SER A 77 6.45 -0.09 30.80
N GLN A 78 5.16 -0.33 30.53
CA GLN A 78 4.15 0.70 30.73
C GLN A 78 3.60 0.74 32.15
N ILE A 79 4.00 -0.20 33.01
CA ILE A 79 3.58 -0.17 34.41
C ILE A 79 4.58 0.68 35.19
N ALA A 80 4.39 2.00 35.16
CA ALA A 80 5.26 2.95 35.79
C ALA A 80 4.60 4.34 35.74
N PRO A 81 4.86 5.22 36.69
CA PRO A 81 4.23 6.54 36.65
C PRO A 81 4.70 7.37 35.47
N GLY A 82 3.80 8.19 34.95
CA GLY A 82 4.12 9.05 33.83
C GLY A 82 4.52 8.30 32.58
N GLN A 83 3.76 7.28 32.21
CA GLN A 83 4.06 6.46 31.04
C GLN A 83 2.88 6.49 30.07
N THR A 84 3.20 6.43 28.78
CA THR A 84 2.21 6.44 27.73
C THR A 84 2.36 5.19 26.86
N GLY A 85 1.25 4.75 26.29
CA GLY A 85 1.24 3.55 25.48
C GLY A 85 -0.16 3.04 25.30
N ASN A 86 -0.25 1.85 24.69
CA ASN A 86 -1.55 1.26 24.41
C ASN A 86 -2.29 0.92 25.71
N ILE A 87 -1.58 0.38 26.69
CA ILE A 87 -2.23 -0.06 27.92
C ILE A 87 -2.41 1.09 28.89
N ALA A 88 -1.41 1.96 29.01
CA ALA A 88 -1.52 3.09 29.93
C ALA A 88 -2.66 4.03 29.57
N ASP A 89 -3.04 4.10 28.29
CA ASP A 89 -4.10 5.01 27.88
C ASP A 89 -5.49 4.42 28.00
N TYR A 90 -5.66 3.12 27.74
CA TYR A 90 -6.99 2.54 27.61
C TYR A 90 -7.28 1.39 28.54
N ASN A 91 -6.28 0.78 29.18
CA ASN A 91 -6.52 -0.45 29.92
C ASN A 91 -6.23 -0.34 31.41
N TYR A 92 -5.16 0.35 31.80
CA TYR A 92 -4.76 0.46 33.19
C TYR A 92 -3.68 1.52 33.31
N LYS A 93 -3.78 2.36 34.34
CA LYS A 93 -2.83 3.45 34.53
C LYS A 93 -2.40 3.52 35.99
N LEU A 94 -1.20 4.05 36.20
CA LEU A 94 -0.64 4.30 37.51
C LEU A 94 -0.64 5.80 37.78
N PRO A 95 -0.75 6.24 39.03
CA PRO A 95 -0.75 7.68 39.30
C PRO A 95 0.62 8.28 39.09
N ASP A 96 0.65 9.59 38.84
CA ASP A 96 1.92 10.26 38.57
C ASP A 96 2.90 10.07 39.72
N ASP A 97 2.40 9.97 40.95
CA ASP A 97 3.19 9.59 42.11
C ASP A 97 2.73 8.21 42.58
N PHE A 98 3.65 7.47 43.20
CA PHE A 98 3.39 6.08 43.54
C PHE A 98 4.14 5.71 44.81
N THR A 99 3.66 4.64 45.46
CA THR A 99 4.36 3.99 46.56
C THR A 99 4.04 2.51 46.52
N GLY A 100 5.02 1.68 46.88
CA GLY A 100 4.86 0.24 46.87
C GLY A 100 5.85 -0.43 45.93
N CYS A 101 5.39 -1.52 45.31
CA CYS A 101 6.25 -2.34 44.47
C CYS A 101 5.46 -2.86 43.28
N VAL A 102 6.20 -3.23 42.23
CA VAL A 102 5.64 -3.88 41.05
C VAL A 102 6.43 -5.16 40.80
N ILE A 103 5.72 -6.27 40.60
CA ILE A 103 6.31 -7.60 40.53
C ILE A 103 5.79 -8.28 39.27
N ALA A 104 6.70 -8.80 38.43
CA ALA A 104 6.35 -9.46 37.20
C ALA A 104 7.15 -10.74 37.03
N TRP A 105 6.51 -11.79 36.52
CA TRP A 105 7.19 -13.05 36.25
C TRP A 105 6.52 -13.74 35.06
N ASN A 106 7.33 -14.36 34.23
CA ASN A 106 6.83 -15.02 33.03
C ASN A 106 6.01 -16.26 33.40
N SER A 107 4.98 -16.50 32.61
CA SER A 107 4.08 -17.64 32.79
C SER A 107 3.80 -18.32 31.45
N ASN A 108 4.87 -18.54 30.67
CA ASN A 108 4.70 -19.13 29.35
C ASN A 108 4.26 -20.58 29.42
N LYS A 109 4.55 -21.27 30.51
CA LYS A 109 4.23 -22.69 30.66
C LYS A 109 2.84 -22.92 31.26
N LEU A 110 2.09 -21.85 31.52
CA LEU A 110 0.76 -22.01 32.10
C LEU A 110 -0.35 -21.33 31.31
N ASP A 111 -0.03 -20.38 30.42
CA ASP A 111 -1.07 -19.64 29.73
C ASP A 111 -1.08 -19.95 28.24
N SER A 112 0.10 -20.03 27.63
CA SER A 112 0.20 -20.31 26.21
C SER A 112 -0.02 -21.79 25.95
N LYS A 113 -0.95 -22.10 25.05
CA LYS A 113 -1.26 -23.48 24.71
C LYS A 113 -1.37 -23.62 23.20
N VAL A 114 -1.18 -24.86 22.72
CA VAL A 114 -1.26 -25.12 21.29
C VAL A 114 -2.67 -24.82 20.80
N GLY A 115 -2.77 -24.30 19.59
CA GLY A 115 -4.03 -23.86 19.04
C GLY A 115 -4.42 -22.45 19.42
N GLY A 116 -3.62 -21.76 20.22
CA GLY A 116 -3.89 -20.38 20.58
C GLY A 116 -4.78 -20.23 21.79
N ASN A 117 -4.33 -19.44 22.77
CA ASN A 117 -5.12 -19.14 23.96
C ASN A 117 -5.90 -17.87 23.70
N TYR A 118 -7.23 -17.97 23.72
CA TYR A 118 -8.11 -16.85 23.41
C TYR A 118 -9.00 -16.49 24.59
N ASN A 119 -8.43 -16.45 25.80
CA ASN A 119 -9.15 -16.11 27.00
C ASN A 119 -8.79 -14.75 27.58
N TYR A 120 -7.65 -14.18 27.17
CA TYR A 120 -7.20 -12.88 27.66
C TYR A 120 -7.38 -11.86 26.54
N LEU A 121 -8.01 -10.73 26.87
CA LEU A 121 -8.36 -9.72 25.89
C LEU A 121 -7.88 -8.35 26.36
N TYR A 122 -7.96 -7.37 25.46
CA TYR A 122 -7.61 -6.00 25.77
C TYR A 122 -8.38 -5.05 24.86
N ARG A 123 -8.43 -3.79 25.26
CA ARG A 123 -9.24 -2.78 24.60
C ARG A 123 -8.42 -2.00 23.59
N LEU A 124 -8.97 -1.84 22.38
CA LEU A 124 -8.24 -1.17 21.30
C LEU A 124 -8.26 0.34 21.46
N PHE A 125 -9.46 0.92 21.56
CA PHE A 125 -9.62 2.36 21.45
C PHE A 125 -10.75 2.83 22.35
N ARG A 126 -10.72 4.12 22.67
CA ARG A 126 -11.80 4.78 23.39
C ARG A 126 -11.64 6.28 23.24
N LYS A 127 -12.73 7.00 23.53
CA LYS A 127 -12.76 8.43 23.29
C LYS A 127 -11.76 9.18 24.15
N SER A 128 -11.66 8.82 25.44
CA SER A 128 -10.81 9.54 26.38
C SER A 128 -9.97 8.54 27.17
N ASN A 129 -8.80 9.00 27.59
CA ASN A 129 -7.86 8.14 28.30
C ASN A 129 -8.42 7.71 29.65
N LEU A 130 -7.95 6.55 30.11
CA LEU A 130 -8.31 6.07 31.43
C LEU A 130 -7.68 6.93 32.52
N LYS A 131 -8.37 7.02 33.64
CA LYS A 131 -7.86 7.70 34.82
C LYS A 131 -6.94 6.76 35.60
N PRO A 132 -6.18 7.30 36.56
CA PRO A 132 -5.51 6.42 37.51
C PRO A 132 -6.52 5.60 38.29
N PHE A 133 -6.32 4.29 38.31
CA PHE A 133 -7.16 3.36 39.05
C PHE A 133 -8.63 3.47 38.62
N GLU A 134 -8.84 3.54 37.32
CA GLU A 134 -10.19 3.58 36.76
C GLU A 134 -10.38 2.37 35.86
N ARG A 135 -11.54 1.71 36.02
CA ARG A 135 -11.84 0.47 35.34
C ARG A 135 -13.10 0.63 34.49
N ASP A 136 -13.03 0.20 33.24
CA ASP A 136 -14.12 0.32 32.29
C ASP A 136 -14.31 -1.01 31.61
N ILE A 137 -15.55 -1.49 31.57
CA ILE A 137 -15.88 -2.81 31.05
C ILE A 137 -16.97 -2.69 29.99
N SER A 138 -17.32 -1.46 29.63
CA SER A 138 -18.37 -1.24 28.64
C SER A 138 -17.90 -1.68 27.27
N THR A 139 -18.73 -2.48 26.59
CA THR A 139 -18.43 -3.00 25.26
C THR A 139 -19.58 -2.66 24.33
N GLU A 140 -19.52 -1.46 23.73
CA GLU A 140 -20.51 -1.02 22.76
C GLU A 140 -19.83 -0.79 21.43
N ILE A 141 -20.54 -1.17 20.36
CA ILE A 141 -19.98 -1.08 19.01
C ILE A 141 -19.96 0.38 18.58
N TYR A 142 -18.77 0.88 18.25
CA TYR A 142 -18.61 2.24 17.78
C TYR A 142 -19.05 2.34 16.33
N GLN A 143 -19.92 3.30 16.03
CA GLN A 143 -20.45 3.47 14.68
C GLN A 143 -19.79 4.68 14.03
N ALA A 144 -18.99 4.43 12.99
CA ALA A 144 -18.35 5.49 12.23
C ALA A 144 -19.03 5.80 10.92
N GLY A 145 -19.59 4.79 10.25
CA GLY A 145 -20.30 5.03 9.02
C GLY A 145 -21.67 5.63 9.25
N ASN A 146 -22.30 6.03 8.14
CA ASN A 146 -23.63 6.65 8.23
C ASN A 146 -24.67 5.66 8.72
N LYS A 147 -24.63 4.43 8.20
CA LYS A 147 -25.62 3.43 8.56
C LYS A 147 -25.39 2.93 9.99
N PRO A 148 -26.45 2.60 10.71
CA PRO A 148 -26.30 2.06 12.07
C PRO A 148 -25.81 0.62 12.05
N CYS A 149 -25.26 0.22 13.20
CA CYS A 149 -24.73 -1.14 13.37
C CYS A 149 -25.75 -2.11 13.94
N ASN A 150 -26.58 -1.66 14.87
CA ASN A 150 -27.62 -2.49 15.49
C ASN A 150 -27.03 -3.75 16.13
N GLY A 151 -25.92 -3.57 16.85
CA GLY A 151 -25.33 -4.66 17.60
C GLY A 151 -24.60 -5.69 16.77
N VAL A 152 -24.27 -5.38 15.52
CA VAL A 152 -23.56 -6.29 14.65
C VAL A 152 -22.29 -5.60 14.16
N ALA A 153 -21.15 -6.26 14.34
CA ALA A 153 -19.87 -5.68 13.92
C ALA A 153 -19.60 -5.97 12.44
N GLY A 154 -19.12 -4.96 11.74
CA GLY A 154 -18.80 -5.10 10.33
C GLY A 154 -17.95 -3.96 9.83
N PHE A 155 -18.13 -3.57 8.57
CA PHE A 155 -17.41 -2.41 8.04
C PHE A 155 -17.98 -1.14 8.65
N ASN A 156 -17.09 -0.28 9.16
CA ASN A 156 -17.46 0.94 9.87
C ASN A 156 -18.28 0.66 11.13
N CYS A 157 -18.12 -0.53 11.70
CA CYS A 157 -18.77 -0.91 12.96
C CYS A 157 -17.81 -1.81 13.71
N TYR A 158 -17.06 -1.23 14.65
CA TYR A 158 -15.90 -1.88 15.22
C TYR A 158 -16.17 -2.32 16.66
N PHE A 159 -15.84 -3.57 16.97
CA PHE A 159 -15.80 -4.08 18.33
C PHE A 159 -14.50 -3.62 19.00
N PRO A 160 -14.56 -3.17 20.25
CA PRO A 160 -13.39 -2.53 20.86
C PRO A 160 -12.42 -3.45 21.56
N LEU A 161 -12.60 -4.78 21.50
CA LEU A 161 -11.75 -5.72 22.21
C LEU A 161 -11.11 -6.70 21.24
N ARG A 162 -9.82 -6.99 21.46
CA ARG A 162 -9.13 -8.06 20.76
C ARG A 162 -8.42 -8.95 21.77
N SER A 163 -8.30 -10.22 21.42
CA SER A 163 -7.71 -11.23 22.31
C SER A 163 -6.25 -11.43 21.94
N TYR A 164 -5.40 -11.52 22.97
CA TYR A 164 -4.00 -11.85 22.75
C TYR A 164 -3.87 -13.23 22.13
N GLY A 165 -2.96 -13.34 21.16
CA GLY A 165 -2.68 -14.64 20.58
C GLY A 165 -1.51 -15.31 21.27
N PHE A 166 -1.80 -16.23 22.19
CA PHE A 166 -0.77 -16.89 22.99
C PHE A 166 -0.59 -18.32 22.49
N ARG A 167 0.63 -18.66 22.11
CA ARG A 167 0.99 -19.99 21.66
C ARG A 167 2.40 -20.27 22.17
N PRO A 168 2.73 -21.54 22.41
CA PRO A 168 4.07 -21.84 22.95
C PRO A 168 5.22 -21.39 22.05
N THR A 169 5.02 -21.36 20.74
CA THR A 169 6.08 -20.97 19.81
C THR A 169 5.99 -19.46 19.57
N TYR A 170 6.64 -18.70 20.44
CA TYR A 170 6.69 -17.25 20.33
C TYR A 170 8.05 -16.77 20.82
N GLY A 171 8.31 -15.48 20.64
CA GLY A 171 9.55 -14.88 21.07
C GLY A 171 9.53 -14.55 22.55
N VAL A 172 10.58 -13.83 22.98
CA VAL A 172 10.63 -13.36 24.36
C VAL A 172 9.49 -12.37 24.62
N GLY A 173 9.25 -11.48 23.66
CA GLY A 173 8.02 -10.73 23.65
C GLY A 173 6.87 -11.58 23.14
N HIS A 174 5.66 -11.02 23.24
CA HIS A 174 4.44 -11.70 22.80
C HIS A 174 4.17 -12.98 23.58
N GLN A 175 4.80 -13.16 24.75
CA GLN A 175 4.52 -14.27 25.63
C GLN A 175 3.84 -13.77 26.90
N PRO A 176 2.97 -14.58 27.50
CA PRO A 176 2.18 -14.10 28.63
C PRO A 176 3.05 -13.77 29.84
N TYR A 177 2.66 -12.71 30.55
CA TYR A 177 3.32 -12.27 31.77
C TYR A 177 2.25 -11.99 32.82
N ARG A 178 2.63 -12.14 34.08
CA ARG A 178 1.74 -11.87 35.20
C ARG A 178 2.30 -10.75 36.06
N VAL A 179 1.42 -9.84 36.48
CA VAL A 179 1.83 -8.63 37.18
C VAL A 179 1.06 -8.53 38.49
N VAL A 180 1.75 -8.09 39.54
CA VAL A 180 1.15 -7.74 40.82
C VAL A 180 1.71 -6.40 41.25
N VAL A 181 0.83 -5.48 41.64
CA VAL A 181 1.24 -4.16 42.11
C VAL A 181 0.78 -4.01 43.55
N LEU A 182 1.70 -3.66 44.44
CA LEU A 182 1.42 -3.50 45.85
C LEU A 182 1.50 -2.02 46.20
N SER A 183 0.38 -1.49 46.70
CA SER A 183 0.26 -0.08 47.06
C SER A 183 0.06 0.03 48.56
N PHE A 184 1.04 0.62 49.24
CA PHE A 184 0.98 0.78 50.68
C PHE A 184 0.38 2.13 51.05
N GLU A 185 -0.53 2.13 52.02
CA GLU A 185 -1.24 3.33 52.42
C GLU A 185 -1.31 3.42 53.94
N LEU A 186 -1.43 4.65 54.44
CA LEU A 186 -1.68 4.91 55.86
C LEU A 186 -2.40 6.25 55.95
N LEU A 187 -3.56 6.26 56.61
CA LEU A 187 -4.41 7.46 56.65
C LEU A 187 -5.27 7.43 57.91
N HIS A 188 -4.91 8.26 58.88
CA HIS A 188 -5.74 8.56 60.04
C HIS A 188 -6.06 7.34 60.90
N ALA A 189 -6.77 6.37 60.32
CA ALA A 189 -7.22 5.20 61.08
C ALA A 189 -6.01 4.41 61.58
N PRO A 190 -6.16 3.69 62.70
CA PRO A 190 -5.03 2.94 63.24
C PRO A 190 -4.51 1.90 62.26
N ALA A 191 -3.19 1.76 62.21
CA ALA A 191 -2.56 0.81 61.31
C ALA A 191 -2.72 -0.61 61.84
N THR A 192 -3.17 -1.52 60.98
CA THR A 192 -3.44 -2.89 61.37
C THR A 192 -2.75 -3.89 60.46
N VAL A 193 -1.75 -3.44 59.70
CA VAL A 193 -1.02 -4.33 58.78
C VAL A 193 0.47 -4.11 58.92
N CYS A 194 1.18 -5.10 59.48
CA CYS A 194 2.64 -5.13 59.48
C CYS A 194 3.12 -6.49 59.94
N GLY A 195 4.45 -6.66 59.92
CA GLY A 195 5.08 -7.95 59.98
C GLY A 195 5.02 -8.63 61.34
N PRO A 196 5.36 -9.91 61.36
CA PRO A 196 5.29 -10.68 62.61
C PRO A 196 6.42 -10.31 63.56
N LYS A 197 6.25 -10.73 64.81
CA LYS A 197 7.21 -10.49 65.88
C LYS A 197 7.72 -11.82 66.39
N VAL B 2 -18.07 5.35 1.51
CA VAL B 2 -16.69 5.67 1.83
C VAL B 2 -15.92 5.97 0.54
N GLN B 3 -15.28 7.13 0.49
CA GLN B 3 -14.55 7.54 -0.69
C GLN B 3 -13.47 8.54 -0.31
N LEU B 4 -12.39 8.55 -1.09
CA LEU B 4 -11.30 9.51 -0.93
C LEU B 4 -10.91 10.04 -2.31
N VAL B 5 -10.82 11.36 -2.43
CA VAL B 5 -10.50 12.02 -3.70
C VAL B 5 -9.32 12.94 -3.48
N GLU B 6 -8.31 12.82 -4.33
CA GLU B 6 -7.14 13.69 -4.32
C GLU B 6 -7.21 14.67 -5.49
N SER B 7 -6.66 15.86 -5.29
CA SER B 7 -6.65 16.88 -6.32
C SER B 7 -5.54 17.88 -6.00
N GLY B 8 -5.21 18.69 -7.01
CA GLY B 8 -4.19 19.71 -6.87
C GLY B 8 -2.87 19.41 -7.55
N GLY B 9 -2.75 18.27 -8.23
CA GLY B 9 -1.51 17.93 -8.89
C GLY B 9 -1.30 18.73 -10.16
N GLY B 10 -0.09 18.63 -10.69
CA GLY B 10 0.26 19.32 -11.91
C GLY B 10 1.76 19.46 -12.06
N VAL B 11 2.14 20.20 -13.08
CA VAL B 11 3.55 20.45 -13.39
C VAL B 11 4.00 21.70 -12.66
N VAL B 12 5.23 21.66 -12.15
CA VAL B 12 5.81 22.78 -11.41
C VAL B 12 7.31 22.81 -11.65
N GLN B 13 7.87 24.00 -11.73
CA GLN B 13 9.31 24.16 -11.95
C GLN B 13 10.08 23.79 -10.68
N PRO B 14 11.31 23.32 -10.82
CA PRO B 14 12.09 22.96 -9.63
C PRO B 14 12.32 24.14 -8.71
N GLY B 15 12.29 23.87 -7.40
CA GLY B 15 12.50 24.88 -6.39
C GLY B 15 11.25 25.64 -5.96
N ARG B 16 10.09 25.34 -6.54
CA ARG B 16 8.86 26.03 -6.21
C ARG B 16 8.00 25.17 -5.29
N SER B 17 6.80 25.64 -4.99
CA SER B 17 5.93 25.03 -4.00
C SER B 17 4.58 24.67 -4.59
N LEU B 18 3.90 23.74 -3.92
CA LEU B 18 2.61 23.25 -4.37
C LEU B 18 1.85 22.73 -3.16
N ARG B 19 0.53 22.59 -3.31
CA ARG B 19 -0.31 22.05 -2.24
C ARG B 19 -1.30 21.06 -2.81
N LEU B 20 -1.42 19.91 -2.17
CA LEU B 20 -2.37 18.87 -2.53
C LEU B 20 -3.41 18.72 -1.42
N SER B 21 -4.65 18.46 -1.82
CA SER B 21 -5.76 18.30 -0.87
C SER B 21 -6.45 16.97 -1.09
N CYS B 22 -6.77 16.29 0.01
CA CYS B 22 -7.46 15.01 0.00
C CYS B 22 -8.79 15.16 0.72
N ALA B 23 -9.87 14.78 0.06
CA ALA B 23 -11.22 14.96 0.57
C ALA B 23 -11.84 13.62 0.93
N ALA B 24 -12.43 13.56 2.12
CA ALA B 24 -13.06 12.35 2.63
C ALA B 24 -14.55 12.58 2.80
N SER B 25 -15.33 11.50 2.73
CA SER B 25 -16.78 11.63 2.79
C SER B 25 -17.39 10.28 3.19
N GLU B 26 -18.66 10.34 3.57
CA GLU B 26 -19.45 9.20 4.07
C GLU B 26 -18.82 8.51 5.28
N PHE B 27 -17.97 9.21 6.02
CA PHE B 27 -17.50 8.68 7.29
C PHE B 27 -16.97 9.83 8.14
N THR B 28 -16.82 9.56 9.44
CA THR B 28 -16.35 10.56 10.38
C THR B 28 -14.86 10.81 10.16
N PHE B 29 -14.53 11.89 9.46
CA PHE B 29 -13.14 12.20 9.18
C PHE B 29 -12.36 12.57 10.44
N SER B 30 -13.05 13.07 11.46
CA SER B 30 -12.37 13.63 12.62
C SER B 30 -11.86 12.57 13.60
N SER B 31 -12.16 11.29 13.39
CA SER B 31 -11.76 10.24 14.30
C SER B 31 -10.80 9.23 13.68
N PHE B 32 -10.10 9.60 12.62
CA PHE B 32 -9.19 8.68 11.93
C PHE B 32 -7.86 9.38 11.65
N ALA B 33 -6.80 8.59 11.66
CA ALA B 33 -5.48 9.05 11.26
C ALA B 33 -5.28 8.81 9.77
N MET B 34 -4.44 9.63 9.14
CA MET B 34 -4.29 9.59 7.69
C MET B 34 -2.82 9.48 7.30
N HIS B 35 -2.61 8.85 6.14
CA HIS B 35 -1.31 8.58 5.56
C HIS B 35 -1.20 9.25 4.20
N TRP B 36 -0.02 9.80 3.93
CA TRP B 36 0.37 10.24 2.59
C TRP B 36 1.47 9.32 2.10
N VAL B 37 1.25 8.70 0.93
CA VAL B 37 2.18 7.74 0.33
C VAL B 37 2.46 8.21 -1.08
N ARG B 38 3.57 7.74 -1.66
CA ARG B 38 3.88 8.07 -3.04
C ARG B 38 4.56 6.89 -3.72
N GLN B 39 4.42 6.85 -5.04
CA GLN B 39 5.05 5.82 -5.87
C GLN B 39 5.72 6.49 -7.06
N ALA B 40 7.05 6.38 -7.12
CA ALA B 40 7.80 6.91 -8.24
C ALA B 40 7.64 6.01 -9.47
N PRO B 41 7.78 6.54 -10.67
CA PRO B 41 7.66 5.71 -11.87
C PRO B 41 8.72 4.62 -11.89
N GLY B 42 8.28 3.40 -12.18
CA GLY B 42 9.19 2.27 -12.24
C GLY B 42 9.79 1.84 -10.93
N LYS B 43 9.17 2.22 -9.81
CA LYS B 43 9.69 1.89 -8.49
C LYS B 43 8.55 1.50 -7.57
N GLY B 44 8.88 0.80 -6.49
CA GLY B 44 7.89 0.43 -5.51
C GLY B 44 7.40 1.61 -4.70
N LEU B 45 6.31 1.39 -3.98
CA LEU B 45 5.70 2.44 -3.19
C LEU B 45 6.61 2.86 -2.04
N GLU B 46 6.48 4.11 -1.62
CA GLU B 46 7.28 4.67 -0.55
C GLU B 46 6.40 5.48 0.39
N TRP B 47 6.49 5.19 1.68
CA TRP B 47 5.74 5.94 2.68
C TRP B 47 6.32 7.35 2.83
N VAL B 48 5.44 8.32 3.03
CA VAL B 48 5.83 9.73 3.10
C VAL B 48 5.52 10.33 4.47
N ALA B 49 4.23 10.36 4.85
CA ALA B 49 3.87 11.10 6.05
C ALA B 49 2.65 10.49 6.73
N LEU B 50 2.52 10.81 8.03
CA LEU B 50 1.42 10.35 8.87
C LEU B 50 0.94 11.48 9.75
N ILE B 51 -0.38 11.60 9.89
CA ILE B 51 -0.99 12.56 10.81
C ILE B 51 -2.06 11.86 11.63
N SER B 52 -2.16 12.23 12.90
CA SER B 52 -3.10 11.62 13.83
C SER B 52 -4.48 12.26 13.70
N TYR B 53 -5.46 11.70 14.44
CA TYR B 53 -6.84 12.16 14.30
C TYR B 53 -7.08 13.50 14.97
N ASP B 54 -6.22 13.89 15.91
CA ASP B 54 -6.35 15.19 16.56
C ASP B 54 -5.40 16.22 15.98
N GLY B 55 -4.30 15.79 15.36
CA GLY B 55 -3.37 16.69 14.71
C GLY B 55 -2.12 17.02 15.50
N SER B 56 -1.99 16.53 16.73
CA SER B 56 -0.78 16.82 17.51
C SER B 56 0.41 16.02 17.01
N ASN B 57 0.21 14.74 16.69
CA ASN B 57 1.29 13.86 16.28
C ASN B 57 1.44 13.89 14.77
N LYS B 58 2.64 14.19 14.29
CA LYS B 58 2.96 14.18 12.88
C LYS B 58 4.28 13.45 12.67
N TYR B 59 4.30 12.55 11.69
CA TYR B 59 5.49 11.76 11.38
C TYR B 59 5.86 11.96 9.93
N TYR B 60 7.15 12.13 9.67
CA TYR B 60 7.66 12.35 8.32
C TYR B 60 8.77 11.35 8.01
N ALA B 61 8.91 11.02 6.73
CA ALA B 61 10.04 10.23 6.28
C ALA B 61 11.30 11.08 6.27
N ASP B 62 12.45 10.41 6.37
CA ASP B 62 13.72 11.11 6.43
C ASP B 62 14.01 11.89 5.15
N SER B 63 13.68 11.30 4.00
CA SER B 63 14.01 11.94 2.73
C SER B 63 13.15 13.16 2.44
N VAL B 64 12.06 13.36 3.17
CA VAL B 64 11.17 14.50 2.96
C VAL B 64 11.05 15.36 4.22
N LYS B 65 12.00 15.26 5.13
CA LYS B 65 11.96 16.07 6.34
C LYS B 65 12.38 17.51 6.03
N GLY B 66 11.69 18.46 6.66
CA GLY B 66 12.03 19.85 6.54
C GLY B 66 11.50 20.55 5.32
N ARG B 67 10.84 19.84 4.41
CA ARG B 67 10.29 20.42 3.20
C ARG B 67 8.79 20.23 3.05
N PHE B 68 8.24 19.12 3.53
CA PHE B 68 6.82 18.82 3.40
C PHE B 68 6.12 19.04 4.72
N THR B 69 4.92 19.62 4.65
CA THR B 69 4.10 19.89 5.83
C THR B 69 2.74 19.23 5.64
N ILE B 70 2.27 18.52 6.66
CA ILE B 70 0.99 17.83 6.62
C ILE B 70 0.05 18.48 7.62
N SER B 71 -1.21 18.64 7.23
CA SER B 71 -2.20 19.30 8.08
C SER B 71 -3.57 18.78 7.72
N ARG B 72 -4.55 19.12 8.56
CA ARG B 72 -5.92 18.67 8.34
C ARG B 72 -6.89 19.74 8.81
N ASP B 73 -8.11 19.66 8.26
CA ASP B 73 -9.22 20.52 8.65
C ASP B 73 -10.44 19.62 8.85
N ASN B 74 -10.81 19.40 10.12
CA ASN B 74 -11.92 18.50 10.42
C ASN B 74 -13.26 19.09 10.01
N SER B 75 -13.43 20.41 10.14
CA SER B 75 -14.71 21.04 9.78
C SER B 75 -14.99 20.91 8.30
N LYS B 76 -13.97 21.09 7.46
CA LYS B 76 -14.12 20.94 6.01
C LYS B 76 -13.83 19.53 5.52
N ASN B 77 -13.44 18.63 6.42
CA ASN B 77 -13.15 17.22 6.07
C ASN B 77 -12.06 17.13 5.00
N THR B 78 -10.96 17.83 5.22
CA THR B 78 -9.90 17.91 4.23
C THR B 78 -8.54 17.60 4.84
N LEU B 79 -7.64 17.09 4.01
CA LEU B 79 -6.27 16.80 4.38
C LEU B 79 -5.34 17.49 3.40
N TYR B 80 -4.36 18.24 3.90
CA TYR B 80 -3.50 19.08 3.09
C TYR B 80 -2.06 18.66 3.22
N LEU B 81 -1.36 18.63 2.09
CA LEU B 81 0.09 18.43 2.05
C LEU B 81 0.71 19.58 1.28
N GLN B 82 1.62 20.30 1.92
CA GLN B 82 2.33 21.42 1.31
C GLN B 82 3.76 21.01 1.02
N MET B 83 4.21 21.23 -0.21
CA MET B 83 5.53 20.83 -0.68
C MET B 83 6.31 22.06 -1.10
N ASN B 84 7.51 22.22 -0.55
CA ASN B 84 8.36 23.36 -0.82
C ASN B 84 9.74 22.88 -1.26
N SER B 85 10.40 23.68 -2.07
CA SER B 85 11.75 23.39 -2.59
C SER B 85 11.77 22.03 -3.28
N LEU B 86 10.83 21.84 -4.20
CA LEU B 86 10.72 20.58 -4.92
C LEU B 86 11.95 20.33 -5.78
N ARG B 87 12.36 19.06 -5.84
CA ARG B 87 13.53 18.69 -6.62
C ARG B 87 13.20 17.56 -7.61
N ALA B 88 14.23 17.01 -8.25
CA ALA B 88 14.01 16.13 -9.39
C ALA B 88 13.37 14.80 -8.98
N GLU B 89 13.59 14.35 -7.76
CA GLU B 89 13.11 13.04 -7.34
C GLU B 89 11.68 13.06 -6.80
N ASP B 90 11.00 14.20 -6.81
CA ASP B 90 9.65 14.29 -6.28
C ASP B 90 8.58 13.90 -7.30
N THR B 91 8.95 13.60 -8.54
CA THR B 91 7.98 13.21 -9.55
C THR B 91 7.48 11.80 -9.25
N ALA B 92 6.20 11.67 -8.92
CA ALA B 92 5.63 10.40 -8.52
C ALA B 92 4.10 10.52 -8.58
N VAL B 93 3.42 9.49 -8.06
CA VAL B 93 1.97 9.51 -7.90
C VAL B 93 1.67 9.43 -6.41
N TYR B 94 0.84 10.36 -5.94
CA TYR B 94 0.60 10.54 -4.51
C TYR B 94 -0.75 9.98 -4.12
N TYR B 95 -0.78 9.23 -3.01
CA TYR B 95 -1.94 8.50 -2.54
C TYR B 95 -2.29 8.93 -1.12
N CYS B 96 -3.59 9.07 -0.86
CA CYS B 96 -4.12 9.45 0.43
C CYS B 96 -4.82 8.23 1.03
N ALA B 97 -4.40 7.80 2.22
CA ALA B 97 -4.88 6.57 2.82
C ALA B 97 -5.39 6.82 4.23
N ARG B 98 -6.27 5.93 4.68
CA ARG B 98 -6.94 6.07 5.97
C ARG B 98 -6.59 4.89 6.87
N VAL B 99 -6.31 5.19 8.14
CA VAL B 99 -5.97 4.16 9.12
C VAL B 99 -7.20 3.32 9.43
N SER B 100 -6.99 2.02 9.65
CA SER B 100 -8.11 1.09 9.82
C SER B 100 -8.93 1.40 11.07
N TYR B 101 -8.25 1.71 12.19
CA TYR B 101 -9.08 1.79 13.38
C TYR B 101 -9.29 3.23 13.82
N PRO B 102 -10.45 3.54 14.41
CA PRO B 102 -10.71 4.89 14.88
C PRO B 102 -10.31 5.11 16.32
N LEU B 103 -10.01 6.37 16.63
CA LEU B 103 -9.67 6.80 17.99
C LEU B 103 -8.51 5.99 18.56
N THR B 104 -7.54 5.69 17.71
CA THR B 104 -6.36 4.93 18.11
C THR B 104 -5.12 5.69 17.66
N LYS B 105 -4.06 5.59 18.45
CA LYS B 105 -2.80 6.28 18.16
C LYS B 105 -1.61 5.33 18.12
N TYR B 106 -1.83 4.02 18.05
CA TYR B 106 -0.73 3.07 18.10
C TYR B 106 -0.96 1.88 17.16
N TYR B 107 -1.63 2.09 16.03
CA TYR B 107 -1.90 1.01 15.08
C TYR B 107 -1.16 1.15 13.76
N TYR B 108 -1.32 2.28 13.08
CA TYR B 108 -0.58 2.60 11.85
C TYR B 108 -0.89 1.62 10.72
N GLY B 109 -2.15 1.25 10.57
CA GLY B 109 -2.55 0.32 9.52
C GLY B 109 -3.64 0.87 8.62
N MET B 110 -3.40 0.86 7.31
CA MET B 110 -4.28 1.51 6.34
C MET B 110 -5.14 0.48 5.63
N ASP B 111 -6.37 0.87 5.29
CA ASP B 111 -7.29 -0.04 4.62
C ASP B 111 -7.98 0.57 3.41
N VAL B 112 -8.13 1.90 3.37
CA VAL B 112 -8.84 2.59 2.30
C VAL B 112 -7.88 3.54 1.62
N TRP B 113 -7.80 3.45 0.30
CA TRP B 113 -6.88 4.23 -0.51
C TRP B 113 -7.66 5.23 -1.38
N GLY B 114 -6.92 5.94 -2.24
CA GLY B 114 -7.54 6.86 -3.17
C GLY B 114 -7.00 6.65 -4.57
N GLN B 115 -7.59 7.38 -5.52
CA GLN B 115 -7.20 7.25 -6.91
C GLN B 115 -5.78 7.75 -7.15
N GLY B 116 -5.45 8.91 -6.59
CA GLY B 116 -4.12 9.45 -6.71
C GLY B 116 -4.02 10.61 -7.69
N THR B 117 -2.96 11.40 -7.52
CA THR B 117 -2.67 12.52 -8.40
C THR B 117 -1.20 12.45 -8.82
N THR B 118 -0.89 13.12 -9.93
CA THR B 118 0.44 13.11 -10.50
C THR B 118 1.07 14.49 -10.36
N VAL B 119 2.32 14.52 -9.89
CA VAL B 119 3.09 15.75 -9.76
C VAL B 119 4.36 15.61 -10.60
N THR B 120 4.57 16.55 -11.50
CA THR B 120 5.72 16.54 -12.40
C THR B 120 6.63 17.72 -12.10
N VAL B 121 7.90 17.44 -11.85
CA VAL B 121 8.88 18.49 -11.59
C VAL B 121 9.73 18.68 -12.83
N SER B 122 9.34 19.62 -13.69
CA SER B 122 10.06 19.87 -14.93
C SER B 122 9.96 21.36 -15.27
N SER B 123 10.92 21.84 -16.05
CA SER B 123 11.02 23.23 -16.44
C SER B 123 10.89 23.39 -17.95
N ALA B 124 9.95 22.65 -18.54
CA ALA B 124 9.70 22.70 -19.97
C ALA B 124 8.61 23.73 -20.27
N SER B 125 8.28 23.85 -21.55
CA SER B 125 7.27 24.80 -22.02
C SER B 125 6.08 24.06 -22.61
N THR B 126 4.88 24.51 -22.26
CA THR B 126 3.67 23.89 -22.77
C THR B 126 3.60 24.03 -24.30
N LYS B 127 3.27 22.93 -24.96
CA LYS B 127 3.21 22.89 -26.42
C LYS B 127 1.99 22.10 -26.86
N GLY B 128 1.58 22.33 -28.10
CA GLY B 128 0.46 21.64 -28.67
C GLY B 128 0.88 20.49 -29.56
N PRO B 129 0.01 19.48 -29.68
CA PRO B 129 0.34 18.33 -30.52
C PRO B 129 0.36 18.69 -32.00
N SER B 130 1.03 17.84 -32.78
CA SER B 130 1.09 17.95 -34.23
C SER B 130 0.75 16.59 -34.82
N VAL B 131 -0.43 16.48 -35.40
CA VAL B 131 -0.93 15.20 -35.90
C VAL B 131 -0.40 14.96 -37.30
N PHE B 132 -0.14 13.70 -37.61
CA PHE B 132 0.28 13.28 -38.94
C PHE B 132 -0.33 11.91 -39.26
N PRO B 133 -1.13 11.81 -40.32
CA PRO B 133 -1.77 10.53 -40.63
C PRO B 133 -0.77 9.51 -41.17
N LEU B 134 -1.07 8.24 -40.91
CA LEU B 134 -0.29 7.12 -41.41
C LEU B 134 -1.04 6.57 -42.62
N ALA B 135 -0.60 6.98 -43.81
CA ALA B 135 -1.32 6.61 -45.03
C ALA B 135 -1.23 5.11 -45.27
N PRO B 136 -2.35 4.43 -45.50
CA PRO B 136 -2.28 3.01 -45.81
C PRO B 136 -1.62 2.76 -47.16
N SER B 137 -1.02 1.58 -47.29
CA SER B 137 -0.31 1.19 -48.50
C SER B 137 -0.71 -0.23 -48.87
N SER B 138 -0.20 -0.67 -50.03
CA SER B 138 -0.43 -2.05 -50.46
C SER B 138 0.19 -3.06 -49.51
N LYS B 139 1.21 -2.66 -48.73
CA LYS B 139 1.81 -3.54 -47.75
C LYS B 139 0.99 -3.62 -46.46
N SER B 140 0.09 -2.67 -46.23
CA SER B 140 -0.68 -2.63 -44.99
C SER B 140 -1.95 -3.48 -45.03
N THR B 141 -2.27 -4.10 -46.16
CA THR B 141 -3.45 -4.93 -46.25
C THR B 141 -3.06 -6.40 -46.09
N SER B 142 -3.93 -7.17 -45.43
CA SER B 142 -3.69 -8.59 -45.22
C SER B 142 -5.00 -9.27 -44.91
N GLY B 143 -5.40 -10.21 -45.77
CA GLY B 143 -6.64 -10.95 -45.54
C GLY B 143 -7.89 -10.08 -45.59
N GLY B 144 -7.92 -9.09 -46.48
CA GLY B 144 -9.07 -8.22 -46.61
C GLY B 144 -9.17 -7.11 -45.60
N THR B 145 -8.18 -6.95 -44.73
CA THR B 145 -8.18 -5.90 -43.72
C THR B 145 -6.89 -5.10 -43.80
N ALA B 146 -7.02 -3.80 -43.57
CA ALA B 146 -5.88 -2.89 -43.64
C ALA B 146 -5.87 -2.00 -42.40
N ALA B 147 -4.68 -1.55 -42.02
CA ALA B 147 -4.49 -0.72 -40.84
C ALA B 147 -4.19 0.71 -41.27
N LEU B 148 -4.65 1.66 -40.44
CA LEU B 148 -4.41 3.07 -40.69
C LEU B 148 -4.47 3.80 -39.35
N GLY B 149 -3.73 4.90 -39.26
CA GLY B 149 -3.67 5.64 -38.03
C GLY B 149 -3.07 7.02 -38.22
N CYS B 150 -2.92 7.72 -37.11
CA CYS B 150 -2.29 9.04 -37.11
C CYS B 150 -1.33 9.13 -35.93
N LEU B 151 -0.17 9.73 -36.16
CA LEU B 151 0.85 9.78 -35.11
C LEU B 151 0.95 11.13 -34.43
N VAL B 152 0.29 11.28 -33.29
CA VAL B 152 0.41 12.53 -32.54
C VAL B 152 1.85 12.64 -32.13
N LYS B 153 2.44 13.82 -32.26
CA LYS B 153 3.86 13.94 -31.97
C LYS B 153 4.29 15.25 -31.33
N ASP B 154 5.11 15.16 -30.30
CA ASP B 154 5.67 16.36 -29.66
C ASP B 154 4.71 17.22 -28.84
N TYR B 155 4.70 17.02 -27.54
CA TYR B 155 3.92 17.90 -26.66
C TYR B 155 4.39 17.66 -25.24
N PHE B 156 4.48 18.73 -24.45
CA PHE B 156 4.96 18.55 -23.08
C PHE B 156 3.87 18.01 -22.15
N PRO B 157 2.67 18.62 -22.09
CA PRO B 157 1.64 18.07 -21.18
C PRO B 157 1.21 16.68 -21.60
N GLU B 158 1.55 15.68 -20.78
CA GLU B 158 1.37 14.29 -21.18
C GLU B 158 -0.07 13.91 -21.49
N PRO B 159 -1.09 14.25 -20.66
CA PRO B 159 -2.44 13.75 -20.93
C PRO B 159 -3.02 14.25 -22.25
N VAL B 160 -3.19 13.33 -23.20
CA VAL B 160 -3.78 13.63 -24.50
C VAL B 160 -4.79 12.55 -24.82
N THR B 161 -6.01 12.94 -25.17
CA THR B 161 -7.07 11.99 -25.50
C THR B 161 -7.19 11.85 -27.02
N VAL B 162 -7.28 10.61 -27.47
CA VAL B 162 -7.39 10.28 -28.89
C VAL B 162 -8.63 9.44 -29.10
N SER B 163 -9.45 9.82 -30.07
CA SER B 163 -10.64 9.05 -30.42
C SER B 163 -10.85 9.13 -31.93
N TRP B 164 -11.63 8.17 -32.45
CA TRP B 164 -11.84 8.04 -33.88
C TRP B 164 -13.33 8.14 -34.18
N ASN B 165 -13.66 8.93 -35.20
CA ASN B 165 -15.04 9.11 -35.66
C ASN B 165 -15.96 9.53 -34.51
N SER B 166 -15.46 10.47 -33.70
CA SER B 166 -16.21 11.00 -32.55
C SER B 166 -16.59 9.89 -31.58
N GLY B 167 -15.71 8.90 -31.44
CA GLY B 167 -15.94 7.79 -30.54
C GLY B 167 -16.78 6.65 -31.10
N ALA B 168 -17.26 6.78 -32.34
CA ALA B 168 -18.06 5.71 -32.93
C ALA B 168 -17.23 4.46 -33.19
N LEU B 169 -16.01 4.65 -33.69
CA LEU B 169 -15.14 3.52 -34.05
C LEU B 169 -14.22 3.21 -32.87
N THR B 170 -14.56 2.17 -32.11
CA THR B 170 -13.75 1.73 -30.98
C THR B 170 -13.43 0.24 -31.05
N SER B 171 -13.52 -0.36 -32.23
CA SER B 171 -13.22 -1.77 -32.44
C SER B 171 -11.98 -1.89 -33.32
N GLY B 172 -10.99 -2.63 -32.83
CA GLY B 172 -9.74 -2.79 -33.54
C GLY B 172 -8.78 -1.62 -33.40
N VAL B 173 -9.05 -0.67 -32.51
CA VAL B 173 -8.20 0.50 -32.33
C VAL B 173 -7.32 0.28 -31.09
N HIS B 174 -6.06 0.64 -31.20
CA HIS B 174 -5.10 0.51 -30.11
C HIS B 174 -4.38 1.84 -29.94
N THR B 175 -4.32 2.33 -28.70
CA THR B 175 -3.62 3.56 -28.37
C THR B 175 -2.44 3.20 -27.47
N PHE B 176 -1.23 3.32 -28.00
CA PHE B 176 -0.02 2.93 -27.29
C PHE B 176 0.37 4.00 -26.26
N PRO B 177 1.02 3.58 -25.18
CA PRO B 177 1.44 4.57 -24.16
C PRO B 177 2.40 5.59 -24.73
N ALA B 178 2.28 6.82 -24.23
CA ALA B 178 3.19 7.88 -24.64
C ALA B 178 4.60 7.60 -24.16
N VAL B 179 5.57 7.79 -25.06
CA VAL B 179 6.97 7.53 -24.76
C VAL B 179 7.75 8.83 -24.86
N LEU B 180 8.66 9.03 -23.92
CA LEU B 180 9.51 10.22 -23.93
C LEU B 180 10.57 10.10 -25.01
N GLN B 181 10.91 11.23 -25.63
CA GLN B 181 11.95 11.29 -26.65
C GLN B 181 13.23 11.89 -26.07
N SER B 182 14.24 12.01 -26.92
CA SER B 182 15.51 12.61 -26.48
C SER B 182 15.33 14.08 -26.14
N SER B 183 14.49 14.79 -26.90
CA SER B 183 14.25 16.21 -26.65
C SER B 183 13.43 16.45 -25.39
N GLY B 184 12.83 15.42 -24.81
CA GLY B 184 12.08 15.56 -23.59
C GLY B 184 10.60 15.81 -23.75
N LEU B 185 10.04 15.58 -24.93
CA LEU B 185 8.62 15.78 -25.18
C LEU B 185 7.98 14.48 -25.63
N TYR B 186 6.81 14.20 -25.09
CA TYR B 186 6.14 12.93 -25.32
C TYR B 186 5.57 12.85 -26.74
N SER B 187 5.37 11.62 -27.20
CA SER B 187 4.77 11.35 -28.50
C SER B 187 4.31 9.90 -28.53
N LEU B 188 3.08 9.68 -29.01
CA LEU B 188 2.50 8.35 -29.06
C LEU B 188 1.88 8.12 -30.43
N SER B 189 1.32 6.93 -30.60
CA SER B 189 0.67 6.55 -31.86
C SER B 189 -0.69 5.95 -31.57
N SER B 190 -1.56 5.97 -32.58
CA SER B 190 -2.89 5.39 -32.47
C SER B 190 -3.26 4.81 -33.84
N VAL B 191 -3.42 3.49 -33.89
CA VAL B 191 -3.67 2.78 -35.15
C VAL B 191 -4.94 1.95 -34.99
N VAL B 192 -5.79 1.96 -36.01
CA VAL B 192 -7.01 1.16 -36.05
C VAL B 192 -7.05 0.43 -37.39
N THR B 193 -7.41 -0.85 -37.36
CA THR B 193 -7.49 -1.66 -38.56
C THR B 193 -8.91 -1.68 -39.10
N VAL B 194 -9.04 -1.63 -40.43
CA VAL B 194 -10.34 -1.61 -41.08
C VAL B 194 -10.30 -2.60 -42.24
N PRO B 195 -11.45 -3.10 -42.66
CA PRO B 195 -11.49 -3.97 -43.85
C PRO B 195 -10.96 -3.24 -45.08
N SER B 196 -10.28 -3.99 -45.94
CA SER B 196 -9.71 -3.39 -47.15
C SER B 196 -10.78 -2.94 -48.13
N SER B 197 -11.96 -3.56 -48.07
CA SER B 197 -13.05 -3.16 -48.96
C SER B 197 -13.56 -1.77 -48.62
N SER B 198 -13.54 -1.40 -47.34
CA SER B 198 -14.06 -0.11 -46.90
C SER B 198 -13.13 1.05 -47.22
N LEU B 199 -11.91 0.78 -47.69
CA LEU B 199 -10.98 1.85 -48.02
C LEU B 199 -11.53 2.69 -49.17
N GLY B 200 -11.52 4.01 -49.00
CA GLY B 200 -12.03 4.91 -50.01
C GLY B 200 -13.53 5.07 -50.04
N THR B 201 -14.26 4.40 -49.15
CA THR B 201 -15.72 4.47 -49.13
C THR B 201 -16.28 5.08 -47.86
N GLN B 202 -15.60 4.95 -46.73
CA GLN B 202 -16.05 5.51 -45.46
C GLN B 202 -15.08 6.61 -45.03
N THR B 203 -15.47 7.31 -43.95
CA THR B 203 -14.70 8.42 -43.42
C THR B 203 -14.10 8.02 -42.07
N TYR B 204 -12.78 8.15 -41.96
CA TYR B 204 -12.07 7.92 -40.71
C TYR B 204 -11.27 9.17 -40.38
N ILE B 205 -11.46 9.70 -39.17
CA ILE B 205 -10.81 10.93 -38.75
C ILE B 205 -10.22 10.72 -37.36
N CYS B 206 -9.23 11.54 -37.03
CA CYS B 206 -8.61 11.52 -35.71
C CYS B 206 -9.14 12.68 -34.89
N ASN B 207 -9.72 12.38 -33.74
CA ASN B 207 -10.25 13.39 -32.83
C ASN B 207 -9.26 13.54 -31.68
N VAL B 208 -8.26 14.38 -31.88
CA VAL B 208 -7.22 14.62 -30.89
C VAL B 208 -7.61 15.84 -30.07
N ASN B 209 -7.78 15.65 -28.77
CA ASN B 209 -8.21 16.70 -27.86
C ASN B 209 -7.13 16.89 -26.80
N HIS B 210 -6.60 18.11 -26.70
CA HIS B 210 -5.56 18.43 -25.73
C HIS B 210 -6.12 19.48 -24.78
N LYS B 211 -6.11 19.16 -23.48
CA LYS B 211 -6.71 20.06 -22.50
C LYS B 211 -5.83 21.27 -22.18
N PRO B 212 -4.58 21.12 -21.72
CA PRO B 212 -3.86 22.30 -21.20
C PRO B 212 -3.67 23.43 -22.20
N SER B 213 -3.45 23.10 -23.47
CA SER B 213 -3.18 24.12 -24.48
C SER B 213 -4.42 24.50 -25.29
N ASN B 214 -5.57 23.89 -25.00
CA ASN B 214 -6.81 24.14 -25.74
C ASN B 214 -6.60 23.96 -27.24
N THR B 215 -6.22 22.73 -27.60
CA THR B 215 -5.84 22.39 -28.97
C THR B 215 -6.99 21.67 -29.67
N LYS B 216 -7.36 22.17 -30.85
CA LYS B 216 -8.46 21.64 -31.64
C LYS B 216 -7.92 21.28 -33.03
N VAL B 217 -7.40 20.06 -33.17
CA VAL B 217 -6.88 19.58 -34.45
C VAL B 217 -7.53 18.24 -34.76
N ASP B 218 -8.05 18.11 -35.98
CA ASP B 218 -8.62 16.87 -36.47
C ASP B 218 -8.05 16.59 -37.85
N LYS B 219 -7.72 15.32 -38.11
CA LYS B 219 -7.12 14.90 -39.36
C LYS B 219 -7.84 13.68 -39.90
N LYS B 220 -8.16 13.70 -41.19
CA LYS B 220 -8.79 12.57 -41.85
C LYS B 220 -7.72 11.66 -42.47
N VAL B 221 -8.00 10.36 -42.49
CA VAL B 221 -7.09 9.40 -43.11
C VAL B 221 -6.91 9.76 -44.58
N GLU B 222 -5.68 9.66 -45.06
CA GLU B 222 -5.34 10.06 -46.42
C GLU B 222 -4.92 8.86 -47.24
N PRO B 223 -5.82 8.29 -48.05
CA PRO B 223 -5.42 7.17 -48.92
C PRO B 223 -4.53 7.67 -50.05
N LYS B 224 -3.51 6.88 -50.37
CA LYS B 224 -2.58 7.23 -51.44
C LYS B 224 -2.28 6.04 -52.33
N GLU C 1 14.90 0.64 9.74
CA GLU C 1 14.50 0.36 8.37
C GLU C 1 14.54 -1.13 8.07
N ILE C 2 13.36 -1.72 7.88
CA ILE C 2 13.23 -3.14 7.56
C ILE C 2 13.02 -3.28 6.06
N VAL C 3 13.95 -3.97 5.41
CA VAL C 3 13.87 -4.21 3.98
C VAL C 3 12.95 -5.40 3.74
N MET C 4 11.93 -5.20 2.92
CA MET C 4 10.89 -6.21 2.69
C MET C 4 11.00 -6.64 1.23
N THR C 5 11.21 -7.95 1.01
CA THR C 5 11.50 -8.49 -0.31
C THR C 5 10.34 -9.36 -0.77
N GLN C 6 9.83 -9.09 -1.97
CA GLN C 6 8.70 -9.82 -2.52
C GLN C 6 9.15 -10.57 -3.77
N SER C 7 8.69 -11.81 -3.90
CA SER C 7 9.05 -12.67 -5.02
C SER C 7 7.86 -13.51 -5.43
N PRO C 8 7.73 -13.82 -6.74
CA PRO C 8 8.53 -13.27 -7.84
C PRO C 8 7.99 -11.95 -8.37
N ALA C 9 8.81 -11.20 -9.10
CA ALA C 9 8.37 -9.91 -9.62
C ALA C 9 7.34 -10.08 -10.74
N PHE C 10 7.51 -11.11 -11.57
CA PHE C 10 6.59 -11.38 -12.66
C PHE C 10 6.28 -12.87 -12.70
N MET C 11 5.13 -13.21 -13.27
CA MET C 11 4.74 -14.61 -13.40
C MET C 11 3.67 -14.73 -14.48
N SER C 12 3.47 -15.97 -14.91
CA SER C 12 2.41 -16.32 -15.85
C SER C 12 1.48 -17.32 -15.19
N ALA C 13 0.18 -17.07 -15.28
CA ALA C 13 -0.82 -17.87 -14.57
C ALA C 13 -1.66 -18.65 -15.57
N THR C 14 -1.76 -19.96 -15.35
CA THR C 14 -2.67 -20.78 -16.12
C THR C 14 -4.10 -20.51 -15.68
N PRO C 15 -5.09 -20.86 -16.50
CA PRO C 15 -6.49 -20.68 -16.08
C PRO C 15 -6.85 -21.42 -14.81
N GLY C 16 -6.11 -22.47 -14.45
CA GLY C 16 -6.33 -23.16 -13.19
C GLY C 16 -5.15 -23.04 -12.26
N ASP C 17 -4.87 -24.10 -11.49
CA ASP C 17 -3.69 -24.21 -10.63
C ASP C 17 -3.70 -23.19 -9.50
N LYS C 18 -2.71 -23.29 -8.60
CA LYS C 18 -2.54 -22.38 -7.49
C LYS C 18 -1.21 -21.65 -7.62
N VAL C 19 -1.15 -20.46 -7.02
CA VAL C 19 0.02 -19.59 -7.10
C VAL C 19 0.38 -19.13 -5.69
N ASN C 20 1.67 -19.18 -5.38
CA ASN C 20 2.21 -18.73 -4.10
C ASN C 20 3.15 -17.55 -4.33
N ILE C 21 2.98 -16.51 -3.52
CA ILE C 21 3.82 -15.32 -3.55
C ILE C 21 4.48 -15.18 -2.19
N SER C 22 5.80 -14.98 -2.19
CA SER C 22 6.59 -14.97 -0.96
C SER C 22 6.96 -13.53 -0.61
N CYS C 23 6.74 -13.16 0.66
CA CYS C 23 7.17 -11.89 1.20
C CYS C 23 8.05 -12.15 2.41
N LYS C 24 9.26 -11.62 2.35
CA LYS C 24 10.24 -11.87 3.40
C LYS C 24 10.71 -10.60 4.07
N ALA C 25 11.06 -10.70 5.34
CA ALA C 25 11.51 -9.56 6.12
C ALA C 25 12.91 -9.81 6.65
N SER C 26 13.68 -8.72 6.78
CA SER C 26 15.04 -8.82 7.28
C SER C 26 15.10 -8.89 8.80
N GLN C 27 14.00 -8.61 9.48
CA GLN C 27 13.92 -8.70 10.94
C GLN C 27 12.63 -9.41 11.32
N ASP C 28 12.49 -9.72 12.61
CA ASP C 28 11.30 -10.37 13.11
C ASP C 28 10.21 -9.33 13.33
N ILE C 29 9.04 -9.56 12.74
CA ILE C 29 7.92 -8.63 12.84
C ILE C 29 6.65 -9.29 13.34
N ALA C 30 6.66 -10.57 13.65
CA ALA C 30 5.47 -11.32 14.07
C ALA C 30 4.43 -11.20 12.96
N ASP C 31 3.15 -11.13 13.32
CA ASP C 31 2.08 -10.93 12.34
C ASP C 31 1.70 -9.46 12.30
N ASP C 32 2.53 -8.67 11.61
CA ASP C 32 2.35 -7.24 11.50
C ASP C 32 2.40 -6.81 10.04
N MET C 33 1.64 -7.50 9.19
CA MET C 33 1.67 -7.24 7.76
C MET C 33 0.27 -7.33 7.18
N ASN C 34 0.11 -6.70 6.02
CA ASN C 34 -1.13 -6.75 5.25
C ASN C 34 -0.81 -7.02 3.78
N TRP C 35 -1.78 -7.61 3.09
CA TRP C 35 -1.67 -7.90 1.66
C TRP C 35 -2.73 -7.10 0.92
N TYR C 36 -2.31 -6.37 -0.12
CA TYR C 36 -3.18 -5.50 -0.89
C TYR C 36 -3.14 -5.88 -2.37
N GLN C 37 -4.27 -5.67 -3.05
CA GLN C 37 -4.42 -5.86 -4.48
C GLN C 37 -4.85 -4.54 -5.11
N GLN C 38 -4.23 -4.20 -6.24
CA GLN C 38 -4.54 -2.97 -6.97
C GLN C 38 -4.61 -3.29 -8.45
N LYS C 39 -5.80 -3.13 -9.04
CA LYS C 39 -5.92 -3.26 -10.47
C LYS C 39 -5.54 -1.94 -11.16
N PRO C 40 -4.99 -2.01 -12.38
CA PRO C 40 -4.53 -0.79 -13.05
C PRO C 40 -5.67 0.17 -13.32
N GLY C 41 -5.54 1.39 -12.80
CA GLY C 41 -6.52 2.44 -13.00
C GLY C 41 -7.47 2.67 -11.84
N GLU C 42 -7.58 1.71 -10.92
CA GLU C 42 -8.45 1.82 -9.77
C GLU C 42 -7.63 1.95 -8.49
N ALA C 43 -8.33 2.09 -7.38
CA ALA C 43 -7.69 2.18 -6.07
C ALA C 43 -7.33 0.79 -5.56
N ALA C 44 -6.41 0.76 -4.59
CA ALA C 44 -6.00 -0.51 -3.99
C ALA C 44 -7.13 -1.10 -3.16
N ILE C 45 -7.12 -2.42 -3.04
CA ILE C 45 -8.15 -3.16 -2.30
C ILE C 45 -7.50 -3.85 -1.11
N PHE C 46 -8.16 -3.75 0.04
CA PHE C 46 -7.67 -4.35 1.28
C PHE C 46 -8.02 -5.83 1.27
N ILE C 47 -7.02 -6.68 1.08
CA ILE C 47 -7.30 -8.12 0.95
C ILE C 47 -7.06 -8.91 2.23
N ILE C 48 -5.82 -8.88 2.73
CA ILE C 48 -5.52 -9.66 3.92
C ILE C 48 -5.01 -8.81 5.07
N GLN C 49 -5.50 -9.07 6.26
CA GLN C 49 -5.09 -8.34 7.45
C GLN C 49 -4.37 -9.30 8.40
N GLU C 50 -3.23 -8.86 8.94
CA GLU C 50 -2.46 -9.60 9.94
C GLU C 50 -2.00 -10.96 9.43
N ALA C 51 -1.84 -11.09 8.11
CA ALA C 51 -1.18 -12.22 7.47
C ALA C 51 -1.94 -13.53 7.59
N THR C 52 -3.06 -13.54 8.32
CA THR C 52 -3.80 -14.79 8.46
C THR C 52 -5.31 -14.57 8.32
N THR C 53 -5.78 -13.39 8.71
CA THR C 53 -7.21 -13.12 8.76
C THR C 53 -7.70 -12.66 7.40
N LEU C 54 -8.72 -13.33 6.89
CA LEU C 54 -9.31 -12.96 5.61
C LEU C 54 -10.33 -11.84 5.82
N VAL C 55 -10.21 -10.79 5.02
CA VAL C 55 -11.10 -9.64 5.16
C VAL C 55 -12.49 -10.00 4.66
N PRO C 56 -13.56 -9.68 5.40
CA PRO C 56 -14.91 -9.99 4.92
C PRO C 56 -15.20 -9.28 3.61
N GLY C 57 -15.97 -9.96 2.76
CA GLY C 57 -16.34 -9.44 1.46
C GLY C 57 -15.45 -9.88 0.32
N ILE C 58 -14.34 -10.56 0.61
CA ILE C 58 -13.44 -11.05 -0.42
C ILE C 58 -13.70 -12.53 -0.63
N SER C 59 -13.38 -13.01 -1.84
CA SER C 59 -13.62 -14.40 -2.16
C SER C 59 -12.75 -15.30 -1.29
N PRO C 60 -13.26 -16.46 -0.86
CA PRO C 60 -12.47 -17.35 0.00
C PRO C 60 -11.33 -18.05 -0.70
N ARG C 61 -11.13 -17.81 -2.00
CA ARG C 61 -10.01 -18.41 -2.71
C ARG C 61 -8.68 -17.90 -2.18
N PHE C 62 -8.60 -16.62 -1.86
CA PHE C 62 -7.37 -16.03 -1.33
C PHE C 62 -7.08 -16.58 0.06
N SER C 63 -5.80 -16.80 0.35
CA SER C 63 -5.40 -17.22 1.69
C SER C 63 -4.00 -16.71 1.98
N GLY C 64 -3.67 -16.64 3.27
CA GLY C 64 -2.36 -16.21 3.68
C GLY C 64 -1.86 -17.06 4.83
N SER C 65 -0.53 -17.10 4.96
CA SER C 65 0.07 -17.89 6.03
C SER C 65 1.47 -17.34 6.30
N GLY C 66 2.01 -17.72 7.45
CA GLY C 66 3.38 -17.35 7.80
C GLY C 66 3.50 -16.52 9.06
N TYR C 67 4.47 -16.88 9.90
CA TYR C 67 4.77 -16.11 11.09
C TYR C 67 6.29 -16.01 11.21
N GLY C 68 6.75 -14.87 11.72
CA GLY C 68 8.18 -14.65 11.84
C GLY C 68 8.74 -13.71 10.79
N THR C 69 9.40 -14.27 9.78
CA THR C 69 10.02 -13.44 8.74
C THR C 69 9.54 -13.83 7.35
N ASP C 70 9.04 -15.04 7.19
CA ASP C 70 8.60 -15.56 5.90
C ASP C 70 7.08 -15.63 5.87
N PHE C 71 6.47 -15.10 4.80
CA PHE C 71 5.03 -15.11 4.66
C PHE C 71 4.67 -15.47 3.22
N THR C 72 3.51 -16.10 3.07
CA THR C 72 3.07 -16.62 1.78
C THR C 72 1.62 -16.25 1.53
N LEU C 73 1.36 -15.72 0.34
CA LEU C 73 0.01 -15.48 -0.16
C LEU C 73 -0.32 -16.55 -1.20
N THR C 74 -1.47 -17.20 -1.04
CA THR C 74 -1.86 -18.29 -1.92
C THR C 74 -3.17 -17.94 -2.62
N ILE C 75 -3.17 -18.07 -3.94
CA ILE C 75 -4.36 -17.88 -4.76
C ILE C 75 -4.66 -19.22 -5.42
N ASN C 76 -5.87 -19.73 -5.19
CA ASN C 76 -6.31 -21.00 -5.75
C ASN C 76 -7.49 -20.77 -6.67
N ASN C 77 -7.60 -21.61 -7.69
CA ASN C 77 -8.67 -21.55 -8.68
C ASN C 77 -8.70 -20.17 -9.35
N ILE C 78 -7.60 -19.88 -10.05
CA ILE C 78 -7.44 -18.58 -10.68
C ILE C 78 -8.51 -18.38 -11.75
N GLU C 79 -8.92 -17.13 -11.92
CA GLU C 79 -9.84 -16.74 -12.99
C GLU C 79 -9.19 -15.59 -13.77
N SER C 80 -9.89 -15.14 -14.82
CA SER C 80 -9.35 -14.10 -15.69
C SER C 80 -9.16 -12.78 -14.94
N GLU C 81 -10.12 -12.43 -14.07
CA GLU C 81 -10.11 -11.15 -13.39
C GLU C 81 -9.22 -11.15 -12.14
N ASP C 82 -8.30 -12.10 -12.03
CA ASP C 82 -7.35 -12.14 -10.94
C ASP C 82 -6.01 -11.52 -11.31
N ALA C 83 -5.93 -10.86 -12.46
CA ALA C 83 -4.70 -10.21 -12.91
C ALA C 83 -4.66 -8.80 -12.33
N ALA C 84 -3.71 -8.55 -11.44
CA ALA C 84 -3.60 -7.26 -10.77
C ALA C 84 -2.20 -7.12 -10.20
N TYR C 85 -2.01 -6.10 -9.37
CA TYR C 85 -0.74 -5.80 -8.73
C TYR C 85 -0.88 -6.08 -7.24
N TYR C 86 -0.15 -7.09 -6.76
CA TYR C 86 -0.22 -7.51 -5.36
C TYR C 86 1.01 -7.01 -4.62
N PHE C 87 0.80 -6.40 -3.46
CA PHE C 87 1.94 -5.96 -2.66
C PHE C 87 1.69 -6.19 -1.17
N CYS C 88 2.79 -6.45 -0.45
CA CYS C 88 2.78 -6.75 0.97
C CYS C 88 3.38 -5.59 1.73
N LEU C 89 2.69 -5.15 2.79
CA LEU C 89 3.10 -4.02 3.61
C LEU C 89 3.31 -4.46 5.05
N GLN C 90 4.32 -3.89 5.69
CA GLN C 90 4.54 -4.10 7.12
C GLN C 90 4.34 -2.78 7.87
N HIS C 91 3.71 -2.86 9.03
CA HIS C 91 3.39 -1.68 9.84
C HIS C 91 3.81 -1.89 11.28
N ASP C 92 5.00 -2.45 11.49
CA ASP C 92 5.48 -2.71 12.84
C ASP C 92 6.13 -1.48 13.45
N ASN C 93 7.18 -0.96 12.81
CA ASN C 93 7.92 0.17 13.34
C ASN C 93 8.23 1.16 12.22
N PHE C 94 8.37 2.42 12.60
CA PHE C 94 8.67 3.46 11.63
C PHE C 94 10.10 3.32 11.12
N PRO C 95 10.34 3.65 9.83
CA PRO C 95 9.32 4.02 8.85
C PRO C 95 8.62 2.80 8.27
N LEU C 96 7.36 2.95 7.87
CA LEU C 96 6.65 1.85 7.23
C LEU C 96 7.24 1.60 5.85
N THR C 97 7.45 0.32 5.54
CA THR C 97 8.04 -0.09 4.27
C THR C 97 7.13 -1.08 3.57
N PHE C 98 6.93 -0.87 2.27
CA PHE C 98 6.17 -1.80 1.45
C PHE C 98 7.09 -2.88 0.88
N GLY C 99 6.47 -3.84 0.20
CA GLY C 99 7.22 -4.88 -0.48
C GLY C 99 7.79 -4.40 -1.79
N GLY C 100 7.85 -5.32 -2.75
CA GLY C 100 8.32 -4.98 -4.09
C GLY C 100 7.19 -4.83 -5.06
N GLY C 101 6.95 -5.86 -5.86
CA GLY C 101 5.84 -5.84 -6.80
C GLY C 101 5.64 -7.22 -7.40
N THR C 102 4.43 -7.44 -7.89
CA THR C 102 4.07 -8.72 -8.49
C THR C 102 2.92 -8.50 -9.46
N LYS C 103 3.13 -8.89 -10.72
CA LYS C 103 2.10 -8.82 -11.74
C LYS C 103 1.75 -10.23 -12.20
N VAL C 104 0.47 -10.56 -12.18
CA VAL C 104 -0.03 -11.87 -12.57
C VAL C 104 -0.76 -11.74 -13.90
N GLU C 105 -0.40 -12.58 -14.86
CA GLU C 105 -1.00 -12.56 -16.19
C GLU C 105 -1.53 -13.94 -16.55
N ILE C 106 -2.70 -13.96 -17.18
CA ILE C 106 -3.32 -15.21 -17.61
C ILE C 106 -2.59 -15.74 -18.83
N LYS C 107 -2.31 -17.04 -18.83
CA LYS C 107 -1.57 -17.68 -19.91
C LYS C 107 -2.54 -18.38 -20.85
N ARG C 108 -2.30 -18.25 -22.15
CA ARG C 108 -3.07 -18.94 -23.17
C ARG C 108 -2.12 -19.43 -24.25
N THR C 109 -2.69 -19.87 -25.37
CA THR C 109 -1.88 -20.40 -26.46
C THR C 109 -1.10 -19.28 -27.17
N VAL C 110 -0.08 -19.68 -27.91
CA VAL C 110 0.77 -18.75 -28.63
C VAL C 110 0.10 -18.40 -29.95
N ALA C 111 0.16 -17.12 -30.34
CA ALA C 111 -0.43 -16.63 -31.57
C ALA C 111 0.64 -15.97 -32.43
N ALA C 112 0.59 -16.22 -33.73
CA ALA C 112 1.53 -15.64 -34.66
C ALA C 112 1.23 -14.16 -34.87
N PRO C 113 2.20 -13.26 -34.69
CA PRO C 113 1.92 -11.84 -34.87
C PRO C 113 1.75 -11.48 -36.34
N SER C 114 1.05 -10.37 -36.57
CA SER C 114 0.90 -9.77 -37.89
C SER C 114 1.67 -8.47 -37.93
N VAL C 115 2.46 -8.27 -38.98
CA VAL C 115 3.38 -7.14 -39.08
C VAL C 115 2.91 -6.20 -40.20
N PHE C 116 2.88 -4.92 -39.90
CA PHE C 116 2.52 -3.88 -40.86
C PHE C 116 3.59 -2.80 -40.85
N ILE C 117 3.71 -2.08 -41.97
CA ILE C 117 4.73 -1.05 -42.14
C ILE C 117 4.08 0.22 -42.66
N PHE C 118 4.55 1.37 -42.17
CA PHE C 118 4.04 2.67 -42.58
C PHE C 118 5.20 3.62 -42.85
N PRO C 119 5.22 4.26 -44.01
CA PRO C 119 6.31 5.19 -44.34
C PRO C 119 5.97 6.60 -43.91
N PRO C 120 6.93 7.53 -43.96
CA PRO C 120 6.63 8.90 -43.53
C PRO C 120 5.68 9.60 -44.50
N SER C 121 4.94 10.57 -43.96
CA SER C 121 4.05 11.38 -44.75
C SER C 121 4.78 12.63 -45.26
N ASP C 122 4.13 13.33 -46.20
CA ASP C 122 4.74 14.51 -46.79
C ASP C 122 4.83 15.67 -45.81
N GLU C 123 4.01 15.66 -44.75
CA GLU C 123 4.11 16.72 -43.74
C GLU C 123 5.47 16.70 -43.06
N GLN C 124 5.96 15.52 -42.68
CA GLN C 124 7.29 15.42 -42.12
C GLN C 124 8.35 15.87 -43.13
N LEU C 125 8.19 15.47 -44.39
CA LEU C 125 9.20 15.79 -45.39
C LEU C 125 9.31 17.29 -45.61
N LYS C 126 8.18 18.00 -45.67
CA LYS C 126 8.23 19.46 -45.76
C LYS C 126 8.63 20.10 -44.45
N SER C 127 8.45 19.40 -43.32
CA SER C 127 8.91 19.92 -42.04
C SER C 127 10.42 19.81 -41.89
N GLY C 128 11.02 18.72 -42.36
CA GLY C 128 12.45 18.53 -42.22
C GLY C 128 12.82 17.33 -41.37
N THR C 129 11.95 16.32 -41.37
CA THR C 129 12.14 15.13 -40.55
C THR C 129 11.49 13.95 -41.29
N ALA C 130 11.94 12.74 -40.96
CA ALA C 130 11.36 11.52 -41.51
C ALA C 130 11.14 10.52 -40.38
N SER C 131 10.04 9.78 -40.46
CA SER C 131 9.68 8.79 -39.45
C SER C 131 9.07 7.59 -40.14
N VAL C 132 9.68 6.42 -39.97
CA VAL C 132 9.16 5.16 -40.49
C VAL C 132 8.75 4.29 -39.31
N VAL C 133 7.58 3.67 -39.41
CA VAL C 133 7.10 2.85 -38.30
C VAL C 133 6.72 1.48 -38.81
N CYS C 134 6.78 0.50 -37.91
CA CYS C 134 6.25 -0.83 -38.21
C CYS C 134 5.72 -1.44 -36.92
N LEU C 135 4.58 -2.12 -37.04
CA LEU C 135 3.83 -2.57 -35.88
C LEU C 135 3.54 -4.06 -35.97
N LEU C 136 3.41 -4.67 -34.80
CA LEU C 136 3.07 -6.08 -34.64
C LEU C 136 1.80 -6.20 -33.81
N ASN C 137 0.92 -7.10 -34.23
CA ASN C 137 -0.38 -7.26 -33.57
C ASN C 137 -0.67 -8.73 -33.33
N ASN C 138 -1.44 -9.00 -32.26
CA ASN C 138 -2.03 -10.31 -32.00
C ASN C 138 -0.96 -11.39 -31.84
N PHE C 139 -0.14 -11.24 -30.80
CA PHE C 139 0.82 -12.26 -30.40
C PHE C 139 0.79 -12.37 -28.88
N TYR C 140 0.72 -13.59 -28.36
CA TYR C 140 0.65 -13.74 -26.92
C TYR C 140 2.00 -13.45 -26.24
N PRO C 141 3.07 -14.19 -26.51
CA PRO C 141 4.30 -13.97 -25.76
C PRO C 141 4.99 -12.68 -26.17
N ARG C 142 5.42 -11.92 -25.16
CA ARG C 142 6.02 -10.61 -25.39
C ARG C 142 7.42 -10.69 -26.00
N GLU C 143 8.00 -11.89 -26.10
CA GLU C 143 9.37 -12.04 -26.58
C GLU C 143 9.37 -11.93 -28.11
N ALA C 144 9.19 -10.71 -28.60
CA ALA C 144 9.30 -10.40 -30.02
C ALA C 144 10.39 -9.35 -30.18
N LYS C 145 11.37 -9.63 -31.03
CA LYS C 145 12.55 -8.77 -31.19
C LYS C 145 12.53 -8.15 -32.56
N VAL C 146 12.62 -6.82 -32.61
CA VAL C 146 12.59 -6.07 -33.87
C VAL C 146 13.90 -5.32 -34.02
N GLN C 147 14.48 -5.41 -35.22
CA GLN C 147 15.73 -4.76 -35.55
C GLN C 147 15.57 -3.91 -36.81
N TRP C 148 16.34 -2.84 -36.90
CA TRP C 148 16.25 -1.89 -37.99
C TRP C 148 17.46 -2.06 -38.91
N LYS C 149 17.20 -2.29 -40.20
CA LYS C 149 18.23 -2.55 -41.20
C LYS C 149 18.08 -1.53 -42.32
N VAL C 150 19.15 -0.77 -42.57
CA VAL C 150 19.22 0.15 -43.70
C VAL C 150 20.49 -0.16 -44.46
N ASP C 151 20.36 -0.44 -45.76
CA ASP C 151 21.48 -0.84 -46.61
C ASP C 151 22.21 -2.04 -46.01
N ASN C 152 21.44 -2.99 -45.48
CA ASN C 152 21.98 -4.19 -44.83
C ASN C 152 22.87 -3.85 -43.65
N ALA C 153 22.65 -2.70 -43.04
CA ALA C 153 23.39 -2.26 -41.86
C ALA C 153 22.42 -2.11 -40.70
N LEU C 154 22.80 -2.66 -39.54
CA LEU C 154 21.96 -2.62 -38.36
C LEU C 154 22.11 -1.29 -37.65
N GLN C 155 20.98 -0.68 -37.29
CA GLN C 155 20.96 0.58 -36.58
C GLN C 155 20.40 0.38 -35.18
N SER C 156 21.15 0.78 -34.17
CA SER C 156 20.75 0.67 -32.77
C SER C 156 20.54 2.03 -32.12
N GLY C 157 20.30 3.07 -32.92
CA GLY C 157 20.07 4.40 -32.40
C GLY C 157 18.92 5.08 -33.12
N ASN C 158 18.39 6.11 -32.46
CA ASN C 158 17.27 6.91 -32.96
C ASN C 158 16.02 6.07 -33.21
N SER C 159 15.88 4.95 -32.51
CA SER C 159 14.74 4.05 -32.67
C SER C 159 14.07 3.88 -31.32
N GLN C 160 12.74 3.88 -31.31
CA GLN C 160 11.95 3.75 -30.10
C GLN C 160 10.93 2.64 -30.24
N GLU C 161 10.59 2.03 -29.11
CA GLU C 161 9.64 0.92 -29.04
C GLU C 161 8.54 1.24 -28.06
N SER C 162 7.32 0.80 -28.38
CA SER C 162 6.19 0.95 -27.47
C SER C 162 5.36 -0.32 -27.51
N VAL C 163 4.83 -0.72 -26.36
CA VAL C 163 4.04 -1.94 -26.24
C VAL C 163 2.82 -1.66 -25.37
N THR C 164 1.67 -2.16 -25.80
CA THR C 164 0.44 -2.01 -25.03
C THR C 164 0.40 -3.04 -23.91
N GLU C 165 -0.70 -3.03 -23.15
CA GLU C 165 -0.85 -3.93 -22.02
C GLU C 165 -1.65 -5.16 -22.44
N GLN C 166 -1.82 -6.09 -21.50
CA GLN C 166 -2.54 -7.32 -21.77
C GLN C 166 -3.99 -7.02 -22.12
N ASP C 167 -4.48 -7.68 -23.17
CA ASP C 167 -5.86 -7.47 -23.60
C ASP C 167 -6.82 -8.21 -22.69
N SER C 168 -7.89 -7.52 -22.27
CA SER C 168 -8.86 -8.12 -21.38
C SER C 168 -9.77 -9.11 -22.10
N LYS C 169 -9.99 -8.94 -23.40
CA LYS C 169 -10.94 -9.78 -24.12
C LYS C 169 -10.38 -11.17 -24.37
N ASP C 170 -9.28 -11.25 -25.14
CA ASP C 170 -8.72 -12.55 -25.52
C ASP C 170 -7.23 -12.64 -25.26
N SER C 171 -6.68 -11.73 -24.45
CA SER C 171 -5.28 -11.78 -24.00
C SER C 171 -4.32 -11.80 -25.19
N THR C 172 -4.32 -10.70 -25.94
CA THR C 172 -3.40 -10.50 -27.04
C THR C 172 -2.49 -9.32 -26.71
N TYR C 173 -1.64 -8.94 -27.67
CA TYR C 173 -0.69 -7.87 -27.47
C TYR C 173 -0.53 -7.06 -28.75
N SER C 174 0.14 -5.93 -28.62
CA SER C 174 0.47 -5.09 -29.76
C SER C 174 1.76 -4.35 -29.45
N LEU C 175 2.48 -3.97 -30.51
CA LEU C 175 3.76 -3.29 -30.35
C LEU C 175 4.00 -2.42 -31.58
N SER C 176 4.72 -1.32 -31.37
CA SER C 176 5.10 -0.42 -32.45
C SER C 176 6.57 -0.07 -32.32
N SER C 177 7.24 0.04 -33.47
CA SER C 177 8.64 0.45 -33.54
C SER C 177 8.73 1.63 -34.48
N THR C 178 9.38 2.70 -34.03
CA THR C 178 9.51 3.93 -34.80
C THR C 178 10.98 4.28 -34.97
N LEU C 179 11.33 4.74 -36.17
CA LEU C 179 12.67 5.21 -36.50
C LEU C 179 12.55 6.62 -37.07
N THR C 180 13.16 7.58 -36.39
CA THR C 180 13.06 8.99 -36.75
C THR C 180 14.45 9.53 -37.08
N LEU C 181 14.58 10.15 -38.25
CA LEU C 181 15.83 10.73 -38.70
C LEU C 181 15.54 12.08 -39.33
N SER C 182 16.61 12.76 -39.75
CA SER C 182 16.46 14.01 -40.48
C SER C 182 16.13 13.73 -41.95
N LYS C 183 15.56 14.74 -42.61
CA LYS C 183 15.22 14.59 -44.02
C LYS C 183 16.46 14.46 -44.89
N ALA C 184 17.55 15.13 -44.52
CA ALA C 184 18.79 15.01 -45.29
C ALA C 184 19.33 13.59 -45.24
N ASP C 185 19.33 12.97 -44.05
CA ASP C 185 19.78 11.59 -43.94
C ASP C 185 18.80 10.63 -44.60
N TYR C 186 17.50 10.93 -44.52
CA TYR C 186 16.50 10.08 -45.14
C TYR C 186 16.64 10.06 -46.65
N GLU C 187 16.95 11.21 -47.26
CA GLU C 187 17.06 11.27 -48.71
C GLU C 187 18.21 10.41 -49.23
N LYS C 188 19.31 10.32 -48.48
CA LYS C 188 20.48 9.58 -48.93
C LYS C 188 20.15 8.11 -49.15
N HIS C 189 19.76 7.41 -48.07
CA HIS C 189 19.45 6.00 -48.18
C HIS C 189 18.11 5.79 -48.86
N LYS C 190 17.94 4.59 -49.43
CA LYS C 190 16.74 4.27 -50.20
C LYS C 190 15.95 3.09 -49.65
N VAL C 191 16.63 2.06 -49.14
CA VAL C 191 15.97 0.85 -48.65
C VAL C 191 15.98 0.86 -47.12
N TYR C 192 14.84 0.54 -46.53
CA TYR C 192 14.72 0.41 -45.08
C TYR C 192 13.97 -0.87 -44.78
N ALA C 193 14.19 -1.44 -43.60
CA ALA C 193 13.47 -2.65 -43.24
C ALA C 193 13.47 -2.83 -41.73
N CYS C 194 12.38 -3.39 -41.22
CA CYS C 194 12.31 -3.85 -39.85
C CYS C 194 12.13 -5.36 -39.85
N GLU C 195 13.00 -6.03 -39.11
CA GLU C 195 13.09 -7.50 -39.09
C GLU C 195 12.69 -7.98 -37.70
N VAL C 196 11.69 -8.86 -37.64
CA VAL C 196 11.11 -9.30 -36.39
C VAL C 196 11.29 -10.80 -36.23
N THR C 197 11.69 -11.21 -35.03
CA THR C 197 11.79 -12.61 -34.65
C THR C 197 10.83 -12.86 -33.49
N HIS C 198 10.07 -13.95 -33.59
CA HIS C 198 9.10 -14.31 -32.57
C HIS C 198 8.95 -15.82 -32.56
N GLN C 199 8.87 -16.40 -31.36
CA GLN C 199 8.81 -17.84 -31.23
C GLN C 199 7.53 -18.43 -31.79
N GLY C 200 6.49 -17.62 -31.96
CA GLY C 200 5.27 -18.08 -32.60
C GLY C 200 5.37 -18.19 -34.11
N LEU C 201 6.46 -17.72 -34.70
CA LEU C 201 6.69 -17.81 -36.13
C LEU C 201 7.76 -18.85 -36.41
N SER C 202 7.60 -19.60 -37.51
CA SER C 202 8.60 -20.58 -37.89
C SER C 202 9.92 -19.92 -38.24
N SER C 203 9.88 -18.81 -38.97
CA SER C 203 11.07 -18.08 -39.38
C SER C 203 10.87 -16.60 -39.15
N PRO C 204 11.96 -15.86 -38.95
CA PRO C 204 11.85 -14.40 -38.80
C PRO C 204 11.31 -13.75 -40.06
N VAL C 205 10.59 -12.64 -39.88
CA VAL C 205 9.90 -11.96 -40.97
C VAL C 205 10.46 -10.55 -41.10
N THR C 206 10.82 -10.16 -42.32
CA THR C 206 11.36 -8.84 -42.61
C THR C 206 10.38 -8.06 -43.46
N LYS C 207 10.05 -6.85 -43.04
CA LYS C 207 9.20 -5.95 -43.81
C LYS C 207 10.04 -4.77 -44.27
N SER C 208 10.06 -4.53 -45.59
CA SER C 208 10.96 -3.57 -46.19
C SER C 208 10.20 -2.55 -47.01
N PHE C 209 10.86 -1.42 -47.27
CA PHE C 209 10.30 -0.32 -48.05
C PHE C 209 11.44 0.37 -48.79
N ASN C 210 11.26 0.57 -50.10
CA ASN C 210 12.24 1.25 -50.93
C ASN C 210 11.56 2.38 -51.69
N ARG C 211 12.18 3.56 -51.65
CA ARG C 211 11.65 4.72 -52.34
C ARG C 211 12.72 5.80 -52.50
#